data_8TAW
#
_entry.id   8TAW
#
_cell.length_a   44.170
_cell.length_b   51.520
_cell.length_c   79.230
_cell.angle_alpha   90.00
_cell.angle_beta   92.30
_cell.angle_gamma   90.00
#
_symmetry.space_group_name_H-M   'P 1 21 1'
#
loop_
_entity.id
_entity.type
_entity.pdbx_description
1 polymer 'Cytochrome P450'
2 non-polymer 'CHLORIDE ION'
3 non-polymer 'PROTOPORPHYRIN IX CONTAINING FE'
4 non-polymer '4-(pyridin-2-yl)benzoic acid'
5 water water
#
_entity_poly.entity_id   1
_entity_poly.type   'polypeptide(L)'
_entity_poly.pdbx_seq_one_letter_code
;MISNSSAESISAPPNDSTIPHLAIDPFSLDFFDDPYPDQQTLRDAGPVVYLDKWNVYGVARYAEVHAVLNDPTTFCSSRG
VGLSDFKKEKPWRPPSLILEADPPAHTRPRAVLSKVLSPATMKTIRDGFAAAADAKVDELLQRGCIDAIADLAEAYPLSV
FPDAMGLKQEGREHLLPYAGLVFNAFGPPNELRQTAIERSAPHQAYVNEQCQRPNLAPGGFGACIHAFTDTGEITPDEAP
LLVRSLLSAGLDETVNGIGAAVYCLARFPGELQRLRSDPTLARNAFEEAVRFESPVQTFFRTTTREVELGGAVIGEGEKV
LMFLGSANRDPRRWSDPDLYDITRKTSGHVGFGSGVHMCVGQLVARLEGEVMLSALARKVAAIDIDGPVKRRFNNTLRGL
ESLPVKLTPA
;
_entity_poly.pdbx_strand_id   A
#
# COMPACT_ATOMS: atom_id res chain seq x y z
N THR A 18 -4.78 -30.47 -13.55
CA THR A 18 -6.00 -30.25 -12.79
C THR A 18 -6.39 -28.78 -12.76
N ILE A 19 -5.39 -27.91 -12.71
CA ILE A 19 -5.65 -26.48 -12.52
C ILE A 19 -5.62 -25.77 -13.87
N PRO A 20 -6.46 -24.75 -14.07
CA PRO A 20 -6.53 -24.09 -15.38
C PRO A 20 -5.35 -23.18 -15.62
N HIS A 21 -4.94 -23.11 -16.89
CA HIS A 21 -3.88 -22.22 -17.34
C HIS A 21 -4.52 -21.04 -18.07
N LEU A 22 -4.14 -19.83 -17.67
CA LEU A 22 -4.69 -18.63 -18.29
C LEU A 22 -3.57 -17.75 -18.84
N ALA A 23 -3.88 -17.04 -19.91
CA ALA A 23 -2.94 -16.14 -20.56
C ALA A 23 -3.07 -14.70 -20.09
N ILE A 24 -3.94 -14.44 -19.10
CA ILE A 24 -4.09 -13.09 -18.56
C ILE A 24 -2.76 -12.62 -18.02
N ASP A 25 -2.35 -11.40 -18.41
CA ASP A 25 -1.14 -10.79 -17.92
C ASP A 25 -1.52 -9.75 -16.87
N PRO A 26 -1.36 -10.04 -15.58
CA PRO A 26 -1.77 -9.07 -14.56
C PRO A 26 -0.77 -7.93 -14.40
N PHE A 27 0.22 -7.87 -15.27
CA PHE A 27 1.19 -6.77 -15.27
C PHE A 27 1.18 -6.01 -16.59
N SER A 28 0.10 -6.13 -17.36
CA SER A 28 -0.08 -5.43 -18.62
C SER A 28 -0.90 -4.17 -18.41
N LEU A 29 -0.73 -3.22 -19.33
CA LEU A 29 -1.47 -1.96 -19.22
C LEU A 29 -2.97 -2.19 -19.34
N ASP A 30 -3.39 -3.15 -20.17
CA ASP A 30 -4.82 -3.46 -20.29
C ASP A 30 -5.40 -3.90 -18.95
N PHE A 31 -4.67 -4.77 -18.23
CA PHE A 31 -5.12 -5.20 -16.91
C PHE A 31 -5.17 -4.02 -15.94
N PHE A 32 -4.10 -3.21 -15.91
CA PHE A 32 -4.08 -2.05 -15.03
C PHE A 32 -5.25 -1.13 -15.29
N ASP A 33 -5.62 -0.95 -16.56
CA ASP A 33 -6.64 0.02 -16.91
C ASP A 33 -8.01 -0.37 -16.36
N ASP A 34 -8.30 -1.67 -16.35
CA ASP A 34 -9.56 -2.18 -15.79
C ASP A 34 -9.38 -3.63 -15.42
N PRO A 35 -8.97 -3.93 -14.18
CA PRO A 35 -8.68 -5.32 -13.82
C PRO A 35 -9.91 -6.14 -13.43
N TYR A 36 -11.05 -5.50 -13.24
CA TYR A 36 -12.15 -6.18 -12.56
C TYR A 36 -12.74 -7.34 -13.39
N PRO A 37 -12.95 -7.20 -14.70
CA PRO A 37 -13.41 -8.38 -15.47
C PRO A 37 -12.42 -9.54 -15.44
N ASP A 38 -11.14 -9.26 -15.65
CA ASP A 38 -10.14 -10.32 -15.62
C ASP A 38 -10.05 -10.96 -14.24
N GLN A 39 -10.31 -10.19 -13.18
CA GLN A 39 -10.26 -10.76 -11.84
C GLN A 39 -11.43 -11.71 -11.59
N GLN A 40 -12.62 -11.39 -12.13
CA GLN A 40 -13.71 -12.36 -12.07
C GLN A 40 -13.34 -13.63 -12.83
N THR A 41 -12.74 -13.47 -14.02
CA THR A 41 -12.31 -14.64 -14.79
C THR A 41 -11.33 -15.48 -13.99
N LEU A 42 -10.39 -14.83 -13.28
CA LEU A 42 -9.43 -15.57 -12.47
C LEU A 42 -10.11 -16.24 -11.28
N ARG A 43 -11.02 -15.54 -10.61
CA ARG A 43 -11.75 -16.15 -9.49
C ARG A 43 -12.58 -17.33 -9.96
N ASP A 44 -13.28 -17.17 -11.07
CA ASP A 44 -14.24 -18.18 -11.51
C ASP A 44 -13.58 -19.35 -12.22
N ALA A 45 -12.33 -19.20 -12.65
CA ALA A 45 -11.63 -20.32 -13.28
C ALA A 45 -11.33 -21.43 -12.27
N GLY A 46 -11.20 -21.08 -11.00
CA GLY A 46 -10.90 -22.04 -9.96
C GLY A 46 -10.18 -21.39 -8.80
N PRO A 47 -10.05 -22.13 -7.69
CA PRO A 47 -9.33 -21.57 -6.53
C PRO A 47 -7.86 -21.30 -6.80
N VAL A 48 -7.20 -22.11 -7.64
CA VAL A 48 -5.81 -21.90 -7.99
C VAL A 48 -5.69 -21.97 -9.51
N VAL A 49 -5.01 -20.98 -10.10
CA VAL A 49 -4.77 -20.95 -11.53
C VAL A 49 -3.28 -20.90 -11.80
N TYR A 50 -2.91 -21.19 -13.04
CA TYR A 50 -1.53 -21.05 -13.49
C TYR A 50 -1.49 -19.98 -14.58
N LEU A 51 -0.62 -19.00 -14.40
CA LEU A 51 -0.50 -17.86 -15.32
C LEU A 51 0.67 -18.14 -16.26
N ASP A 52 0.36 -18.59 -17.48
CA ASP A 52 1.40 -19.02 -18.42
C ASP A 52 2.33 -17.89 -18.81
N LYS A 53 1.87 -16.64 -18.74
CA LYS A 53 2.70 -15.52 -19.17
C LYS A 53 3.94 -15.38 -18.32
N TRP A 54 3.87 -15.74 -17.05
CA TRP A 54 4.97 -15.53 -16.12
C TRP A 54 5.38 -16.78 -15.36
N ASN A 55 4.75 -17.92 -15.62
CA ASN A 55 5.08 -19.19 -14.97
C ASN A 55 4.95 -19.08 -13.45
N VAL A 56 3.81 -18.57 -12.99
CA VAL A 56 3.51 -18.47 -11.58
C VAL A 56 2.10 -18.97 -11.34
N TYR A 57 1.84 -19.37 -10.11
CA TYR A 57 0.48 -19.69 -9.71
C TYR A 57 -0.24 -18.42 -9.28
N GLY A 58 -1.54 -18.42 -9.39
CA GLY A 58 -2.36 -17.29 -8.97
C GLY A 58 -3.53 -17.72 -8.12
N VAL A 59 -3.83 -16.92 -7.11
CA VAL A 59 -5.05 -17.07 -6.31
C VAL A 59 -5.74 -15.73 -6.25
N ALA A 60 -7.02 -15.70 -6.64
CA ALA A 60 -7.78 -14.47 -6.71
C ALA A 60 -9.04 -14.45 -5.84
N ARG A 61 -9.41 -15.57 -5.23
CA ARG A 61 -10.54 -15.58 -4.31
C ARG A 61 -10.08 -15.23 -2.91
N TYR A 62 -11.02 -14.68 -2.11
CA TYR A 62 -10.70 -14.30 -0.75
C TYR A 62 -10.13 -15.48 0.05
N ALA A 63 -10.79 -16.64 -0.04
CA ALA A 63 -10.42 -17.77 0.81
C ALA A 63 -8.95 -18.14 0.64
N GLU A 64 -8.50 -18.28 -0.61
CA GLU A 64 -7.14 -18.75 -0.86
C GLU A 64 -6.12 -17.65 -0.59
N VAL A 65 -6.44 -16.41 -0.94
CA VAL A 65 -5.56 -15.28 -0.60
C VAL A 65 -5.33 -15.23 0.91
N HIS A 66 -6.43 -15.32 1.67
CA HIS A 66 -6.33 -15.31 3.13
C HIS A 66 -5.55 -16.52 3.64
N ALA A 67 -5.79 -17.70 3.07
CA ALA A 67 -5.06 -18.89 3.51
C ALA A 67 -3.57 -18.76 3.26
N VAL A 68 -3.19 -18.22 2.10
CA VAL A 68 -1.78 -18.08 1.77
C VAL A 68 -1.11 -17.09 2.71
N LEU A 69 -1.75 -15.93 2.92
CA LEU A 69 -1.15 -14.92 3.79
C LEU A 69 -0.94 -15.43 5.20
N ASN A 70 -1.77 -16.36 5.65
CA ASN A 70 -1.75 -16.81 7.05
C ASN A 70 -0.99 -18.12 7.25
N ASP A 71 -0.26 -18.58 6.24
CA ASP A 71 0.68 -19.69 6.39
C ASP A 71 2.03 -19.20 5.90
N PRO A 72 2.76 -18.44 6.72
CA PRO A 72 4.06 -17.91 6.28
C PRO A 72 5.15 -18.96 6.21
N THR A 73 4.97 -20.10 6.87
CA THR A 73 5.97 -21.17 6.79
C THR A 73 5.97 -21.81 5.42
N THR A 74 4.79 -22.12 4.89
CA THR A 74 4.68 -22.74 3.57
C THR A 74 4.86 -21.71 2.46
N PHE A 75 4.27 -20.53 2.63
CA PHE A 75 4.30 -19.47 1.62
C PHE A 75 5.17 -18.34 2.19
N CYS A 76 6.48 -18.46 1.96
CA CYS A 76 7.43 -17.59 2.65
C CYS A 76 7.59 -16.27 1.91
N SER A 77 8.19 -15.30 2.62
CA SER A 77 8.50 -14.00 2.06
C SER A 77 9.99 -13.76 1.85
N SER A 78 10.87 -14.60 2.42
CA SER A 78 12.30 -14.35 2.35
C SER A 78 12.88 -14.61 0.97
N ARG A 79 12.15 -15.30 0.10
CA ARG A 79 12.55 -15.42 -1.29
C ARG A 79 11.93 -14.33 -2.16
N GLY A 80 11.46 -13.25 -1.55
CA GLY A 80 10.94 -12.08 -2.23
C GLY A 80 9.42 -12.13 -2.33
N VAL A 81 8.80 -10.95 -2.27
CA VAL A 81 7.36 -10.83 -2.52
C VAL A 81 7.09 -10.25 -3.90
N GLY A 82 8.13 -10.09 -4.73
CA GLY A 82 7.95 -9.82 -6.14
C GLY A 82 8.05 -11.10 -6.97
N LEU A 83 8.05 -10.92 -8.29
CA LEU A 83 8.19 -12.08 -9.16
C LEU A 83 9.54 -12.74 -8.98
N SER A 84 10.59 -11.96 -8.79
CA SER A 84 11.93 -12.50 -8.68
C SER A 84 12.05 -13.39 -7.44
N ASP A 85 12.67 -14.55 -7.64
CA ASP A 85 12.95 -15.50 -6.57
C ASP A 85 14.38 -15.23 -6.10
N PHE A 86 14.53 -14.77 -4.85
CA PHE A 86 15.85 -14.42 -4.34
C PHE A 86 16.77 -15.62 -4.26
N LYS A 87 16.23 -16.84 -4.31
CA LYS A 87 17.07 -18.03 -4.41
C LYS A 87 17.70 -18.17 -5.78
N LYS A 88 17.06 -17.54 -6.76
CA LYS A 88 17.59 -17.61 -8.18
CA LYS A 88 17.53 -17.52 -8.19
C LYS A 88 18.26 -16.30 -8.83
N GLU A 89 17.76 -15.17 -8.32
CA GLU A 89 18.30 -13.91 -8.79
C GLU A 89 18.68 -13.04 -7.59
N LYS A 90 19.56 -12.08 -7.83
CA LYS A 90 19.92 -11.16 -6.76
C LYS A 90 18.85 -10.08 -6.63
N PRO A 91 18.46 -9.72 -5.41
CA PRO A 91 17.52 -8.62 -5.24
C PRO A 91 18.07 -7.32 -5.79
N TRP A 92 17.18 -6.46 -6.29
CA TRP A 92 17.62 -5.19 -6.88
C TRP A 92 18.21 -4.26 -5.83
N ARG A 93 17.85 -4.43 -4.57
CA ARG A 93 18.42 -3.73 -3.44
C ARG A 93 18.52 -4.71 -2.29
N PRO A 94 19.35 -4.43 -1.29
CA PRO A 94 19.45 -5.33 -0.12
C PRO A 94 18.06 -5.62 0.45
N PRO A 95 17.78 -6.87 0.82
CA PRO A 95 16.42 -7.23 1.24
C PRO A 95 15.97 -6.43 2.46
N SER A 96 14.69 -6.11 2.47
CA SER A 96 14.08 -5.50 3.64
C SER A 96 14.19 -6.44 4.84
N LEU A 97 14.54 -5.89 5.99
CA LEU A 97 14.68 -6.69 7.20
C LEU A 97 13.32 -7.16 7.74
N ILE A 98 12.22 -6.60 7.25
CA ILE A 98 10.90 -6.95 7.74
C ILE A 98 10.02 -7.55 6.64
N LEU A 99 9.91 -6.87 5.50
CA LEU A 99 9.02 -7.37 4.44
C LEU A 99 9.55 -8.66 3.83
N GLU A 100 10.86 -8.75 3.63
CA GLU A 100 11.47 -9.86 2.92
C GLU A 100 12.21 -10.78 3.89
N ALA A 101 11.64 -10.95 5.08
CA ALA A 101 12.16 -11.86 6.09
C ALA A 101 11.01 -12.71 6.62
N ASP A 102 11.34 -13.95 6.97
CA ASP A 102 10.40 -14.86 7.61
C ASP A 102 10.65 -14.94 9.10
N PRO A 103 9.68 -15.40 9.88
CA PRO A 103 9.95 -15.73 11.27
C PRO A 103 11.00 -16.82 11.34
N PRO A 104 11.93 -16.77 12.31
CA PRO A 104 12.00 -15.81 13.42
C PRO A 104 12.76 -14.51 13.11
N ALA A 105 13.47 -14.44 11.99
CA ALA A 105 14.24 -13.23 11.69
C ALA A 105 13.33 -12.01 11.55
N HIS A 106 12.08 -12.23 11.13
CA HIS A 106 11.14 -11.13 10.95
C HIS A 106 10.67 -10.56 12.27
N THR A 107 10.72 -11.34 13.35
CA THR A 107 9.95 -11.04 14.55
C THR A 107 10.45 -9.79 15.27
N ARG A 108 11.76 -9.69 15.51
CA ARG A 108 12.22 -8.55 16.30
C ARG A 108 12.18 -7.23 15.52
N PRO A 109 12.63 -7.17 14.25
CA PRO A 109 12.41 -5.93 13.50
C PRO A 109 10.95 -5.54 13.41
N ARG A 110 10.06 -6.52 13.26
CA ARG A 110 8.63 -6.23 13.23
C ARG A 110 8.17 -5.61 14.55
N ALA A 111 8.69 -6.11 15.67
CA ALA A 111 8.30 -5.57 16.98
C ALA A 111 8.76 -4.13 17.13
N VAL A 112 9.96 -3.80 16.63
CA VAL A 112 10.46 -2.43 16.72
C VAL A 112 9.57 -1.48 15.93
N LEU A 113 9.26 -1.84 14.67
CA LEU A 113 8.39 -0.98 13.88
C LEU A 113 6.99 -0.90 14.46
N SER A 114 6.52 -1.98 15.09
N SER A 114 6.52 -1.98 15.09
CA SER A 114 5.20 -1.95 15.73
CA SER A 114 5.21 -1.97 15.73
C SER A 114 5.18 -0.96 16.88
C SER A 114 5.17 -0.97 16.88
N LYS A 115 6.28 -0.85 17.63
CA LYS A 115 6.34 0.12 18.72
C LYS A 115 6.60 1.53 18.22
N VAL A 116 7.37 1.69 17.14
CA VAL A 116 7.62 3.02 16.58
C VAL A 116 6.33 3.61 16.03
N LEU A 117 5.49 2.79 15.42
CA LEU A 117 4.22 3.21 14.84
C LEU A 117 3.04 2.72 15.67
N SER A 118 3.19 2.77 16.98
CA SER A 118 2.27 2.14 17.91
C SER A 118 1.01 2.96 18.11
N PRO A 119 -0.05 2.35 18.67
CA PRO A 119 -1.19 3.15 19.11
C PRO A 119 -0.81 4.36 19.96
N ALA A 120 0.15 4.20 20.88
CA ALA A 120 0.58 5.31 21.71
C ALA A 120 1.24 6.41 20.88
N THR A 121 2.02 6.03 19.87
CA THR A 121 2.67 7.03 19.02
C THR A 121 1.65 7.87 18.26
N MET A 122 0.52 7.27 17.88
CA MET A 122 -0.47 8.02 17.12
C MET A 122 -0.98 9.23 17.88
N LYS A 123 -1.05 9.13 19.21
CA LYS A 123 -1.48 10.28 20.02
C LYS A 123 -0.55 11.48 19.86
N THR A 124 0.76 11.23 19.69
CA THR A 124 1.71 12.32 19.61
C THR A 124 1.64 13.08 18.28
N ILE A 125 1.09 12.47 17.24
CA ILE A 125 1.06 13.10 15.91
C ILE A 125 -0.33 13.45 15.44
N ARG A 126 -1.39 13.02 16.14
CA ARG A 126 -2.73 13.18 15.59
C ARG A 126 -3.12 14.65 15.46
N ASP A 127 -2.80 15.48 16.46
CA ASP A 127 -3.21 16.88 16.40
C ASP A 127 -2.59 17.59 15.20
N GLY A 128 -1.29 17.35 14.96
CA GLY A 128 -0.63 17.99 13.84
C GLY A 128 -1.12 17.47 12.50
N PHE A 129 -1.38 16.16 12.42
CA PHE A 129 -1.89 15.58 11.17
C PHE A 129 -3.26 16.15 10.83
N ALA A 130 -4.14 16.27 11.84
CA ALA A 130 -5.47 16.80 11.59
C ALA A 130 -5.43 18.27 11.20
N ALA A 131 -4.57 19.06 11.86
CA ALA A 131 -4.47 20.47 11.52
C ALA A 131 -4.00 20.66 10.08
N ALA A 132 -3.02 19.86 9.64
CA ALA A 132 -2.56 19.98 8.26
C ALA A 132 -3.63 19.56 7.26
N ALA A 133 -4.47 18.59 7.63
CA ALA A 133 -5.57 18.18 6.74
C ALA A 133 -6.60 19.29 6.62
N ASP A 134 -7.02 19.86 7.76
CA ASP A 134 -7.95 20.98 7.73
C ASP A 134 -7.37 22.15 6.92
N ALA A 135 -6.09 22.44 7.12
CA ALA A 135 -5.47 23.56 6.41
C ALA A 135 -5.40 23.30 4.91
N LYS A 136 -5.10 22.07 4.50
CA LYS A 136 -5.05 21.75 3.08
C LYS A 136 -6.43 21.92 2.44
N VAL A 137 -7.48 21.45 3.11
CA VAL A 137 -8.81 21.56 2.52
C VAL A 137 -9.23 23.03 2.44
N ASP A 138 -8.92 23.82 3.47
CA ASP A 138 -9.20 25.25 3.42
C ASP A 138 -8.49 25.90 2.24
N GLU A 139 -7.23 25.54 2.01
CA GLU A 139 -6.46 26.10 0.90
C GLU A 139 -7.07 25.69 -0.44
N LEU A 140 -7.42 24.41 -0.58
CA LEU A 140 -8.00 23.93 -1.83
C LEU A 140 -9.34 24.60 -2.12
N LEU A 141 -10.14 24.84 -1.07
CA LEU A 141 -11.41 25.51 -1.27
C LEU A 141 -11.26 26.93 -1.77
N GLN A 142 -10.10 27.55 -1.55
CA GLN A 142 -9.87 28.88 -2.11
C GLN A 142 -9.61 28.82 -3.61
N ARG A 143 -9.05 27.70 -4.09
CA ARG A 143 -8.84 27.53 -5.53
C ARG A 143 -10.09 27.01 -6.24
N GLY A 144 -10.91 26.22 -5.56
CA GLY A 144 -12.14 25.69 -6.14
C GLY A 144 -11.89 24.49 -7.03
N CYS A 145 -11.31 24.73 -8.22
CA CYS A 145 -11.00 23.66 -9.16
C CYS A 145 -9.55 23.22 -8.94
N ILE A 146 -9.37 21.96 -8.55
CA ILE A 146 -8.07 21.42 -8.17
C ILE A 146 -7.90 20.05 -8.79
N ASP A 147 -6.69 19.51 -8.67
CA ASP A 147 -6.39 18.12 -9.01
C ASP A 147 -6.30 17.36 -7.70
N ALA A 148 -7.26 16.47 -7.45
CA ALA A 148 -7.33 15.76 -6.18
C ALA A 148 -6.17 14.81 -5.97
N ILE A 149 -5.34 14.56 -6.98
CA ILE A 149 -4.15 13.75 -6.78
C ILE A 149 -3.01 14.66 -6.37
N ALA A 150 -2.49 15.44 -7.32
CA ALA A 150 -1.32 16.29 -7.05
C ALA A 150 -1.57 17.23 -5.87
N ASP A 151 -2.73 17.88 -5.84
CA ASP A 151 -2.99 18.94 -4.88
C ASP A 151 -3.55 18.44 -3.56
N LEU A 152 -3.91 17.16 -3.45
CA LEU A 152 -4.57 16.67 -2.25
C LEU A 152 -3.99 15.33 -1.83
N ALA A 153 -4.25 14.28 -2.62
CA ALA A 153 -3.82 12.94 -2.23
C ALA A 153 -2.31 12.84 -2.15
N GLU A 154 -1.58 13.55 -3.02
CA GLU A 154 -0.14 13.59 -2.93
C GLU A 154 0.34 14.68 -1.97
N ALA A 155 -0.25 15.86 -2.07
CA ALA A 155 0.24 17.01 -1.29
C ALA A 155 0.11 16.77 0.20
N TYR A 156 -0.99 16.14 0.65
CA TYR A 156 -1.20 16.04 2.09
C TYR A 156 -0.21 15.08 2.75
N PRO A 157 -0.04 13.83 2.30
CA PRO A 157 0.98 12.98 2.95
C PRO A 157 2.37 13.59 2.91
N LEU A 158 2.73 14.26 1.81
CA LEU A 158 4.04 14.89 1.76
C LEU A 158 4.16 16.02 2.77
N SER A 159 3.05 16.58 3.22
CA SER A 159 3.08 17.69 4.17
C SER A 159 3.18 17.24 5.62
N VAL A 160 2.99 15.95 5.91
CA VAL A 160 3.00 15.46 7.28
C VAL A 160 4.01 14.33 7.49
N PHE A 161 4.14 13.41 6.55
CA PHE A 161 4.91 12.21 6.87
C PHE A 161 6.43 12.47 6.88
N PRO A 162 7.01 13.12 5.86
CA PRO A 162 8.45 13.40 5.93
C PRO A 162 8.87 14.12 7.21
N ASP A 163 8.05 15.06 7.67
CA ASP A 163 8.33 15.75 8.93
C ASP A 163 8.25 14.78 10.11
N ALA A 164 7.22 13.92 10.12
CA ALA A 164 7.09 12.95 11.21
C ALA A 164 8.24 11.95 11.18
N MET A 165 8.83 11.71 10.00
CA MET A 165 10.01 10.86 9.93
C MET A 165 11.23 11.54 10.52
N GLY A 166 11.27 12.86 10.49
CA GLY A 166 12.47 13.59 10.84
C GLY A 166 13.39 13.89 9.68
N LEU A 167 12.87 13.90 8.45
CA LEU A 167 13.70 14.16 7.28
C LEU A 167 13.97 15.65 7.12
N LYS A 168 15.16 15.98 6.64
CA LYS A 168 15.42 17.35 6.25
C LYS A 168 14.56 17.72 5.04
N GLN A 169 14.54 19.01 4.72
CA GLN A 169 13.70 19.47 3.62
C GLN A 169 14.30 19.13 2.26
N GLU A 170 15.61 19.34 2.10
CA GLU A 170 16.25 19.13 0.80
C GLU A 170 16.21 17.67 0.41
N GLY A 171 15.85 17.40 -0.84
CA GLY A 171 15.87 16.07 -1.39
C GLY A 171 14.56 15.33 -1.31
N ARG A 172 13.51 15.93 -0.75
CA ARG A 172 12.23 15.23 -0.60
C ARG A 172 11.60 14.89 -1.95
N GLU A 173 12.03 15.55 -3.02
CA GLU A 173 11.53 15.22 -4.35
C GLU A 173 11.90 13.80 -4.77
N HIS A 174 12.82 13.15 -4.06
CA HIS A 174 13.16 11.76 -4.34
C HIS A 174 12.17 10.76 -3.75
N LEU A 175 11.28 11.20 -2.87
CA LEU A 175 10.46 10.24 -2.10
C LEU A 175 9.43 9.56 -2.98
N LEU A 176 8.65 10.34 -3.73
CA LEU A 176 7.66 9.73 -4.63
C LEU A 176 8.31 8.84 -5.69
N PRO A 177 9.39 9.24 -6.38
CA PRO A 177 10.02 8.31 -7.32
C PRO A 177 10.51 7.03 -6.67
N TYR A 178 11.06 7.11 -5.45
CA TYR A 178 11.57 5.90 -4.81
C TYR A 178 10.44 4.95 -4.45
N ALA A 179 9.33 5.49 -3.94
CA ALA A 179 8.19 4.64 -3.60
C ALA A 179 7.64 3.93 -4.83
N GLY A 180 7.46 4.67 -5.93
CA GLY A 180 6.98 4.04 -7.16
C GLY A 180 7.96 3.00 -7.67
N LEU A 181 9.26 3.28 -7.53
CA LEU A 181 10.29 2.32 -7.92
C LEU A 181 10.16 1.02 -7.14
N VAL A 182 10.02 1.12 -5.81
CA VAL A 182 9.93 -0.06 -4.95
C VAL A 182 8.81 -0.98 -5.41
N PHE A 183 7.64 -0.40 -5.70
CA PHE A 183 6.49 -1.22 -6.04
C PHE A 183 6.50 -1.68 -7.50
N ASN A 184 7.09 -0.89 -8.40
CA ASN A 184 7.32 -1.41 -9.74
C ASN A 184 8.26 -2.61 -9.73
N ALA A 185 9.25 -2.59 -8.83
CA ALA A 185 10.26 -3.65 -8.76
C ALA A 185 9.71 -4.98 -8.25
N PHE A 186 8.51 -4.99 -7.65
CA PHE A 186 7.87 -6.27 -7.33
C PHE A 186 7.35 -6.96 -8.59
N GLY A 187 7.20 -6.24 -9.69
CA GLY A 187 6.66 -6.81 -10.90
C GLY A 187 7.68 -7.62 -11.65
N PRO A 188 7.27 -8.13 -12.80
CA PRO A 188 8.19 -8.85 -13.68
C PRO A 188 9.16 -7.89 -14.34
N PRO A 189 10.20 -8.39 -15.00
CA PRO A 189 11.13 -7.49 -15.69
C PRO A 189 10.54 -6.91 -16.97
N ASN A 190 9.41 -6.22 -16.87
CA ASN A 190 8.81 -5.55 -18.01
C ASN A 190 9.38 -4.13 -18.10
N GLU A 191 8.83 -3.32 -19.02
CA GLU A 191 9.37 -1.98 -19.23
C GLU A 191 9.16 -1.10 -18.00
N LEU A 192 8.00 -1.23 -17.35
CA LEU A 192 7.74 -0.43 -16.16
C LEU A 192 8.81 -0.66 -15.10
N ARG A 193 9.18 -1.92 -14.88
CA ARG A 193 10.17 -2.23 -13.85
C ARG A 193 11.57 -1.80 -14.28
N GLN A 194 11.97 -2.13 -15.51
CA GLN A 194 13.34 -1.93 -15.92
C GLN A 194 13.66 -0.44 -16.08
N THR A 195 12.70 0.36 -16.55
CA THR A 195 12.95 1.79 -16.67
C THR A 195 13.04 2.44 -15.30
N ALA A 196 12.22 1.98 -14.34
CA ALA A 196 12.32 2.49 -12.98
C ALA A 196 13.69 2.21 -12.39
N ILE A 197 14.18 0.97 -12.56
CA ILE A 197 15.48 0.63 -12.01
C ILE A 197 16.59 1.42 -12.73
N GLU A 198 16.41 1.66 -14.03
CA GLU A 198 17.44 2.38 -14.79
C GLU A 198 17.68 3.78 -14.25
N ARG A 199 16.65 4.45 -13.76
N ARG A 199 16.64 4.47 -13.78
CA ARG A 199 16.72 5.82 -13.26
CA ARG A 199 16.80 5.82 -13.26
C ARG A 199 16.87 5.89 -11.74
C ARG A 199 16.77 5.87 -11.73
N SER A 200 17.06 4.75 -11.08
CA SER A 200 16.92 4.67 -9.63
C SER A 200 18.11 5.19 -8.84
N ALA A 201 19.30 5.25 -9.43
CA ALA A 201 20.52 5.53 -8.66
C ALA A 201 20.42 6.78 -7.80
N PRO A 202 20.00 7.95 -8.30
CA PRO A 202 19.92 9.12 -7.40
C PRO A 202 18.90 8.97 -6.29
N HIS A 203 17.81 8.23 -6.52
CA HIS A 203 16.82 8.05 -5.47
C HIS A 203 17.32 7.09 -4.40
N GLN A 204 17.99 6.01 -4.81
CA GLN A 204 18.61 5.12 -3.83
C GLN A 204 19.64 5.85 -3.00
N ALA A 205 20.47 6.68 -3.63
CA ALA A 205 21.52 7.39 -2.91
C ALA A 205 20.94 8.34 -1.89
N TYR A 206 19.88 9.08 -2.26
CA TYR A 206 19.22 9.96 -1.30
C TYR A 206 18.63 9.16 -0.14
N VAL A 207 17.87 8.12 -0.45
CA VAL A 207 17.16 7.37 0.60
C VAL A 207 18.14 6.73 1.57
N ASN A 208 19.16 6.04 1.04
CA ASN A 208 20.12 5.37 1.91
C ASN A 208 20.83 6.36 2.83
N GLU A 209 21.12 7.56 2.33
CA GLU A 209 21.82 8.54 3.16
C GLU A 209 20.93 9.05 4.29
N GLN A 210 19.64 9.29 4.03
CA GLN A 210 18.75 9.76 5.08
C GLN A 210 18.52 8.71 6.16
N CYS A 211 18.85 7.45 5.91
CA CYS A 211 18.66 6.40 6.91
C CYS A 211 19.68 6.45 8.03
N GLN A 212 20.78 7.18 7.85
CA GLN A 212 21.80 7.27 8.89
C GLN A 212 21.32 8.14 10.05
N ARG A 213 21.68 7.74 11.26
CA ARG A 213 21.18 8.40 12.46
C ARG A 213 21.37 9.91 12.49
N PRO A 214 22.52 10.49 12.08
CA PRO A 214 22.66 11.95 12.17
C PRO A 214 21.72 12.73 11.27
N ASN A 215 21.09 12.09 10.29
CA ASN A 215 20.25 12.79 9.33
C ASN A 215 18.77 12.73 9.68
N LEU A 216 18.43 12.21 10.85
CA LEU A 216 17.05 12.02 11.26
C LEU A 216 16.78 12.87 12.50
N ALA A 217 15.88 13.84 12.36
CA ALA A 217 15.67 14.85 13.40
C ALA A 217 15.16 14.20 14.70
N PRO A 218 15.51 14.79 15.85
CA PRO A 218 15.07 14.22 17.13
C PRO A 218 13.55 14.15 17.23
N GLY A 219 13.06 13.07 17.83
CA GLY A 219 11.64 12.90 18.06
C GLY A 219 10.86 12.27 16.92
N GLY A 220 11.47 12.10 15.75
CA GLY A 220 10.79 11.52 14.61
C GLY A 220 10.90 10.00 14.58
N PHE A 221 10.18 9.41 13.62
CA PHE A 221 10.16 7.95 13.50
C PHE A 221 11.56 7.39 13.30
N GLY A 222 12.35 8.05 12.45
CA GLY A 222 13.70 7.55 12.17
C GLY A 222 14.58 7.54 13.40
N ALA A 223 14.57 8.63 14.16
CA ALA A 223 15.35 8.68 15.40
C ALA A 223 14.85 7.63 16.38
N CYS A 224 13.55 7.39 16.41
CA CYS A 224 12.99 6.39 17.32
CA CYS A 224 13.00 6.39 17.33
C CYS A 224 13.48 4.99 16.97
N ILE A 225 13.59 4.68 15.68
CA ILE A 225 14.10 3.38 15.26
C ILE A 225 15.54 3.20 15.75
N HIS A 226 16.37 4.22 15.54
CA HIS A 226 17.75 4.16 16.01
C HIS A 226 17.83 4.05 17.53
N ALA A 227 16.86 4.64 18.24
CA ALA A 227 16.87 4.56 19.69
C ALA A 227 16.63 3.15 20.19
N PHE A 228 15.94 2.31 19.40
CA PHE A 228 15.65 0.94 19.81
C PHE A 228 16.87 0.03 19.69
N THR A 229 17.98 0.52 19.14
CA THR A 229 19.16 -0.33 19.04
C THR A 229 19.81 -0.57 20.41
N ASP A 230 19.31 0.09 21.44
CA ASP A 230 19.83 -0.08 22.78
C ASP A 230 19.19 -1.22 23.55
N THR A 231 18.12 -1.79 23.00
CA THR A 231 17.29 -2.71 23.76
C THR A 231 17.60 -4.17 23.52
N GLY A 232 18.39 -4.49 22.50
CA GLY A 232 18.59 -5.86 22.09
C GLY A 232 17.62 -6.35 21.04
N GLU A 233 16.67 -5.51 20.63
CA GLU A 233 15.72 -5.94 19.60
C GLU A 233 16.30 -5.80 18.20
N ILE A 234 17.08 -4.73 17.97
CA ILE A 234 17.83 -4.58 16.74
C ILE A 234 19.21 -4.01 17.09
N THR A 235 20.17 -4.28 16.22
CA THR A 235 21.51 -3.73 16.41
C THR A 235 21.65 -2.41 15.68
N PRO A 236 22.68 -1.61 16.01
CA PRO A 236 22.87 -0.35 15.27
C PRO A 236 23.03 -0.53 13.77
N ASP A 237 23.65 -1.61 13.32
CA ASP A 237 23.80 -1.80 11.88
C ASP A 237 22.50 -2.20 11.19
N GLU A 238 21.48 -2.62 11.96
CA GLU A 238 20.18 -2.94 11.38
C GLU A 238 19.28 -1.71 11.23
N ALA A 239 19.52 -0.66 12.01
CA ALA A 239 18.61 0.48 12.01
C ALA A 239 18.49 1.17 10.66
N PRO A 240 19.56 1.44 9.90
CA PRO A 240 19.37 2.13 8.61
C PRO A 240 18.41 1.42 7.68
N LEU A 241 18.51 0.11 7.54
N LEU A 241 18.50 0.10 7.56
CA LEU A 241 17.61 -0.61 6.63
CA LEU A 241 17.58 -0.63 6.69
C LEU A 241 16.18 -0.64 7.15
C LEU A 241 16.16 -0.59 7.22
N LEU A 242 16.00 -0.57 8.47
N LEU A 242 15.98 -0.59 8.54
CA LEU A 242 14.64 -0.50 9.00
CA LEU A 242 14.63 -0.49 9.09
C LEU A 242 14.04 0.87 8.78
C LEU A 242 14.03 0.88 8.82
N VAL A 243 14.86 1.93 8.88
CA VAL A 243 14.40 3.26 8.50
C VAL A 243 14.04 3.27 7.02
N ARG A 244 14.83 2.56 6.20
CA ARG A 244 14.55 2.49 4.77
C ARG A 244 13.15 1.95 4.49
N SER A 245 12.65 1.07 5.35
CA SER A 245 11.31 0.52 5.17
C SER A 245 10.26 1.62 5.19
N LEU A 246 10.42 2.60 6.07
CA LEU A 246 9.47 3.70 6.20
C LEU A 246 9.66 4.78 5.14
N LEU A 247 10.70 4.67 4.31
CA LEU A 247 10.86 5.51 3.13
C LEU A 247 10.56 4.74 1.85
N SER A 248 10.20 3.46 1.96
CA SER A 248 9.82 2.63 0.83
C SER A 248 8.31 2.42 0.79
N ALA A 249 7.75 1.90 1.87
CA ALA A 249 6.33 1.69 1.99
C ALA A 249 5.65 2.93 2.58
N GLY A 250 4.35 3.03 2.36
CA GLY A 250 3.51 3.98 3.07
C GLY A 250 3.15 5.24 2.30
N LEU A 251 4.01 5.67 1.38
CA LEU A 251 3.74 6.92 0.67
C LEU A 251 2.74 6.71 -0.45
N ASP A 252 3.11 5.91 -1.46
CA ASP A 252 2.25 5.76 -2.63
C ASP A 252 0.94 5.08 -2.27
N GLU A 253 0.96 4.12 -1.32
CA GLU A 253 -0.27 3.45 -0.93
C GLU A 253 -1.24 4.43 -0.27
N THR A 254 -0.74 5.30 0.59
CA THR A 254 -1.61 6.24 1.29
C THR A 254 -2.11 7.32 0.33
N VAL A 255 -1.24 7.81 -0.55
CA VAL A 255 -1.67 8.70 -1.63
C VAL A 255 -2.80 8.07 -2.42
N ASN A 256 -2.58 6.84 -2.89
CA ASN A 256 -3.58 6.19 -3.73
C ASN A 256 -4.87 5.93 -2.96
N GLY A 257 -4.76 5.59 -1.67
CA GLY A 257 -5.94 5.38 -0.86
C GLY A 257 -6.75 6.64 -0.66
N ILE A 258 -6.08 7.76 -0.37
CA ILE A 258 -6.78 9.03 -0.23
C ILE A 258 -7.40 9.45 -1.55
N GLY A 259 -6.63 9.33 -2.64
CA GLY A 259 -7.20 9.62 -3.95
C GLY A 259 -8.38 8.74 -4.30
N ALA A 260 -8.30 7.46 -3.96
CA ALA A 260 -9.43 6.56 -4.20
C ALA A 260 -10.65 7.00 -3.39
N ALA A 261 -10.44 7.41 -2.15
CA ALA A 261 -11.56 7.85 -1.32
C ALA A 261 -12.25 9.07 -1.91
N VAL A 262 -11.46 10.05 -2.37
CA VAL A 262 -12.05 11.22 -3.01
C VAL A 262 -12.76 10.82 -4.30
N TYR A 263 -12.14 9.94 -5.08
CA TYR A 263 -12.77 9.41 -6.28
C TYR A 263 -14.12 8.79 -5.97
N CYS A 264 -14.17 7.98 -4.91
CA CYS A 264 -15.41 7.30 -4.55
C CYS A 264 -16.47 8.29 -4.10
N LEU A 265 -16.08 9.28 -3.29
CA LEU A 265 -17.04 10.29 -2.84
C LEU A 265 -17.53 11.13 -4.01
N ALA A 266 -16.70 11.34 -5.03
CA ALA A 266 -17.15 12.04 -6.22
C ALA A 266 -18.08 11.17 -7.04
N ARG A 267 -17.81 9.88 -7.12
CA ARG A 267 -18.64 8.98 -7.94
C ARG A 267 -19.92 8.57 -7.23
N PHE A 268 -19.90 8.52 -5.90
CA PHE A 268 -21.06 8.10 -5.10
C PHE A 268 -21.50 9.27 -4.21
N PRO A 269 -22.17 10.27 -4.79
CA PRO A 269 -22.53 11.46 -3.99
C PRO A 269 -23.39 11.15 -2.78
N GLY A 270 -24.21 10.08 -2.82
CA GLY A 270 -24.97 9.71 -1.65
C GLY A 270 -24.11 9.35 -0.47
N GLU A 271 -22.92 8.79 -0.72
CA GLU A 271 -22.01 8.46 0.37
C GLU A 271 -21.32 9.69 0.93
N LEU A 272 -20.99 10.66 0.08
CA LEU A 272 -20.49 11.94 0.60
C LEU A 272 -21.53 12.59 1.49
N GLN A 273 -22.80 12.50 1.10
CA GLN A 273 -23.85 13.11 1.90
C GLN A 273 -24.01 12.38 3.24
N ARG A 274 -23.84 11.05 3.26
CA ARG A 274 -23.86 10.34 4.52
C ARG A 274 -22.68 10.72 5.39
N LEU A 275 -21.50 10.87 4.78
CA LEU A 275 -20.32 11.24 5.54
C LEU A 275 -20.45 12.66 6.10
N ARG A 276 -20.99 13.58 5.30
CA ARG A 276 -21.23 14.94 5.81
C ARG A 276 -22.17 14.93 7.01
N SER A 277 -23.19 14.07 6.98
CA SER A 277 -24.15 14.04 8.08
C SER A 277 -23.59 13.41 9.33
N ASP A 278 -22.56 12.57 9.21
CA ASP A 278 -21.90 11.97 10.36
C ASP A 278 -20.41 11.87 10.07
N PRO A 279 -19.66 12.95 10.32
CA PRO A 279 -18.21 12.93 10.05
C PRO A 279 -17.44 11.87 10.85
N THR A 280 -18.05 11.27 11.88
CA THR A 280 -17.34 10.20 12.59
C THR A 280 -17.26 8.92 11.77
N LEU A 281 -17.92 8.86 10.62
CA LEU A 281 -17.73 7.76 9.67
C LEU A 281 -16.48 7.91 8.81
N ALA A 282 -15.68 8.96 9.05
CA ALA A 282 -14.53 9.23 8.20
C ALA A 282 -13.54 8.07 8.21
N ARG A 283 -13.27 7.50 9.38
CA ARG A 283 -12.31 6.41 9.47
C ARG A 283 -12.79 5.19 8.69
N ASN A 284 -14.08 4.84 8.82
CA ASN A 284 -14.58 3.69 8.07
C ASN A 284 -14.76 4.01 6.59
N ALA A 285 -15.02 5.27 6.25
CA ALA A 285 -15.07 5.64 4.84
C ALA A 285 -13.73 5.43 4.16
N PHE A 286 -12.64 5.71 4.88
CA PHE A 286 -11.31 5.45 4.33
C PHE A 286 -11.01 3.95 4.27
N GLU A 287 -11.37 3.21 5.32
CA GLU A 287 -11.17 1.77 5.30
C GLU A 287 -11.93 1.12 4.15
N GLU A 288 -13.15 1.58 3.87
CA GLU A 288 -13.89 1.05 2.74
C GLU A 288 -13.22 1.42 1.43
N ALA A 289 -12.59 2.59 1.34
CA ALA A 289 -11.85 2.94 0.14
C ALA A 289 -10.65 2.01 -0.06
N VAL A 290 -9.99 1.64 1.04
CA VAL A 290 -8.88 0.68 0.94
C VAL A 290 -9.39 -0.67 0.45
N ARG A 291 -10.56 -1.09 0.92
CA ARG A 291 -11.13 -2.34 0.41
C ARG A 291 -11.53 -2.20 -1.05
N PHE A 292 -12.20 -1.10 -1.39
CA PHE A 292 -12.86 -0.95 -2.68
C PHE A 292 -11.85 -0.75 -3.81
N GLU A 293 -10.88 0.12 -3.61
CA GLU A 293 -9.82 0.38 -4.58
C GLU A 293 -8.48 0.13 -3.90
N SER A 294 -8.20 -1.14 -3.63
CA SER A 294 -7.04 -1.57 -2.87
C SER A 294 -5.75 -0.99 -3.44
N PRO A 295 -5.09 -0.07 -2.73
CA PRO A 295 -3.88 0.56 -3.30
C PRO A 295 -2.81 -0.42 -3.71
N VAL A 296 -2.64 -1.50 -2.96
CA VAL A 296 -1.77 -2.60 -3.36
C VAL A 296 -2.65 -3.70 -3.92
N GLN A 297 -2.50 -3.99 -5.20
CA GLN A 297 -3.35 -4.95 -5.90
C GLN A 297 -2.83 -6.39 -5.82
N THR A 298 -1.51 -6.57 -5.96
CA THR A 298 -0.93 -7.90 -6.05
C THR A 298 0.44 -7.91 -5.38
N PHE A 299 0.83 -9.08 -4.88
CA PHE A 299 2.22 -9.42 -4.60
C PHE A 299 2.30 -10.92 -4.36
N PHE A 300 3.52 -11.42 -4.13
CA PHE A 300 3.82 -12.83 -4.21
C PHE A 300 4.20 -13.43 -2.86
N ARG A 301 4.10 -14.76 -2.80
CA ARG A 301 4.81 -15.61 -1.85
C ARG A 301 5.54 -16.69 -2.64
N THR A 302 6.46 -17.40 -1.97
CA THR A 302 7.18 -18.51 -2.58
C THR A 302 6.99 -19.76 -1.73
N THR A 303 6.61 -20.88 -2.36
CA THR A 303 6.40 -22.11 -1.61
C THR A 303 7.73 -22.68 -1.15
N THR A 304 7.75 -23.14 0.11
CA THR A 304 8.91 -23.79 0.70
C THR A 304 8.80 -25.30 0.67
N ARG A 305 7.69 -25.83 0.16
CA ARG A 305 7.44 -27.26 0.10
C ARG A 305 6.29 -27.50 -0.87
N GLU A 306 6.14 -28.74 -1.30
CA GLU A 306 4.92 -29.13 -1.98
C GLU A 306 3.73 -28.92 -1.05
N VAL A 307 2.66 -28.34 -1.58
CA VAL A 307 1.52 -27.94 -0.76
C VAL A 307 0.23 -28.14 -1.54
N GLU A 308 -0.80 -28.61 -0.84
CA GLU A 308 -2.15 -28.68 -1.37
C GLU A 308 -2.89 -27.41 -1.00
N LEU A 309 -3.31 -26.64 -2.00
CA LEU A 309 -4.07 -25.41 -1.79
C LEU A 309 -5.30 -25.44 -2.67
N GLY A 310 -6.47 -25.35 -2.06
CA GLY A 310 -7.72 -25.38 -2.82
C GLY A 310 -7.83 -26.58 -3.73
N GLY A 311 -7.42 -27.75 -3.26
CA GLY A 311 -7.45 -28.96 -4.05
C GLY A 311 -6.39 -29.07 -5.12
N ALA A 312 -5.47 -28.12 -5.20
CA ALA A 312 -4.39 -28.12 -6.17
C ALA A 312 -3.06 -28.40 -5.48
N VAL A 313 -2.18 -29.12 -6.17
CA VAL A 313 -0.87 -29.46 -5.66
C VAL A 313 0.15 -28.52 -6.30
N ILE A 314 0.78 -27.68 -5.48
CA ILE A 314 1.82 -26.75 -5.91
C ILE A 314 3.15 -27.27 -5.40
N GLY A 315 4.15 -27.34 -6.30
CA GLY A 315 5.45 -27.83 -5.92
C GLY A 315 6.27 -26.81 -5.14
N GLU A 316 7.41 -27.27 -4.64
CA GLU A 316 8.32 -26.42 -3.89
C GLU A 316 8.93 -25.36 -4.80
N GLY A 317 9.25 -24.21 -4.21
CA GLY A 317 9.96 -23.19 -4.93
C GLY A 317 9.18 -22.54 -6.04
N GLU A 318 7.85 -22.45 -5.89
CA GLU A 318 6.98 -21.86 -6.88
C GLU A 318 6.48 -20.51 -6.40
N LYS A 319 6.40 -19.55 -7.32
CA LYS A 319 5.87 -18.24 -7.00
C LYS A 319 4.34 -18.29 -7.04
N VAL A 320 3.71 -17.71 -6.02
CA VAL A 320 2.26 -17.67 -5.90
C VAL A 320 1.84 -16.21 -5.86
N LEU A 321 1.07 -15.78 -6.87
CA LEU A 321 0.62 -14.41 -6.99
C LEU A 321 -0.76 -14.28 -6.35
N MET A 322 -0.88 -13.38 -5.37
CA MET A 322 -2.15 -13.11 -4.71
C MET A 322 -2.77 -11.85 -5.30
N PHE A 323 -4.08 -11.88 -5.51
CA PHE A 323 -4.84 -10.73 -6.01
C PHE A 323 -5.63 -10.15 -4.84
N LEU A 324 -5.03 -9.15 -4.18
CA LEU A 324 -5.63 -8.56 -2.97
C LEU A 324 -6.90 -7.80 -3.31
N GLY A 325 -6.86 -6.97 -4.36
CA GLY A 325 -8.05 -6.25 -4.76
C GLY A 325 -9.17 -7.18 -5.17
N SER A 326 -8.82 -8.31 -5.81
CA SER A 326 -9.82 -9.30 -6.20
C SER A 326 -10.44 -9.98 -4.97
N ALA A 327 -9.60 -10.34 -3.99
CA ALA A 327 -10.13 -10.91 -2.76
C ALA A 327 -11.09 -9.95 -2.08
N ASN A 328 -10.82 -8.65 -2.17
CA ASN A 328 -11.66 -7.64 -1.56
C ASN A 328 -12.93 -7.36 -2.35
N ARG A 329 -13.10 -7.97 -3.52
CA ARG A 329 -14.34 -7.86 -4.29
C ARG A 329 -14.94 -9.23 -4.59
N ASP A 330 -14.49 -10.27 -3.91
CA ASP A 330 -14.98 -11.63 -4.10
C ASP A 330 -16.41 -11.75 -3.58
N PRO A 331 -17.41 -11.99 -4.43
CA PRO A 331 -18.79 -12.14 -3.92
C PRO A 331 -18.99 -13.37 -3.05
N ARG A 332 -18.04 -14.31 -3.04
CA ARG A 332 -18.10 -15.41 -2.10
C ARG A 332 -17.91 -14.94 -0.67
N ARG A 333 -17.27 -13.78 -0.48
CA ARG A 333 -17.02 -13.23 0.84
C ARG A 333 -17.81 -11.97 1.15
N TRP A 334 -18.08 -11.12 0.14
CA TRP A 334 -18.68 -9.82 0.35
C TRP A 334 -20.05 -9.73 -0.29
N SER A 335 -20.99 -9.10 0.42
CA SER A 335 -22.25 -8.70 -0.17
C SER A 335 -22.07 -7.39 -0.93
N ASP A 336 -22.57 -7.34 -2.16
CA ASP A 336 -22.43 -6.18 -3.02
C ASP A 336 -20.99 -5.66 -3.03
N PRO A 337 -20.03 -6.49 -3.48
CA PRO A 337 -18.62 -6.09 -3.35
C PRO A 337 -18.25 -4.88 -4.19
N ASP A 338 -18.97 -4.63 -5.29
CA ASP A 338 -18.63 -3.54 -6.19
C ASP A 338 -19.33 -2.24 -5.84
N LEU A 339 -19.90 -2.14 -4.64
CA LEU A 339 -20.50 -0.91 -4.14
C LEU A 339 -19.61 -0.30 -3.07
N TYR A 340 -19.49 1.02 -3.09
CA TYR A 340 -18.77 1.76 -2.06
C TYR A 340 -19.75 2.13 -0.96
N ASP A 341 -19.54 1.56 0.24
CA ASP A 341 -20.49 1.68 1.35
C ASP A 341 -19.71 2.07 2.60
N ILE A 342 -19.82 3.32 3.04
CA ILE A 342 -19.01 3.80 4.16
C ILE A 342 -19.48 3.27 5.50
N THR A 343 -20.62 2.58 5.56
CA THR A 343 -21.03 1.90 6.77
C THR A 343 -20.86 0.39 6.67
N ARG A 344 -20.16 -0.09 5.64
CA ARG A 344 -19.91 -1.52 5.51
C ARG A 344 -19.08 -2.03 6.68
N LYS A 345 -19.36 -3.26 7.10
CA LYS A 345 -18.49 -3.98 8.04
C LYS A 345 -17.27 -4.44 7.27
N THR A 346 -16.20 -3.64 7.33
CA THR A 346 -15.00 -3.89 6.51
C THR A 346 -14.01 -4.86 7.15
N SER A 347 -14.21 -5.24 8.40
N SER A 347 -14.21 -5.24 8.40
CA SER A 347 -13.26 -6.11 9.08
CA SER A 347 -13.27 -6.12 9.07
C SER A 347 -13.10 -7.42 8.31
C SER A 347 -13.10 -7.42 8.31
N GLY A 348 -11.85 -7.77 8.03
CA GLY A 348 -11.51 -8.97 7.29
C GLY A 348 -10.98 -8.70 5.89
N HIS A 349 -11.14 -7.49 5.37
CA HIS A 349 -10.56 -7.17 4.07
C HIS A 349 -9.04 -7.31 4.15
N VAL A 350 -8.43 -7.57 2.99
CA VAL A 350 -7.00 -7.87 2.93
C VAL A 350 -6.22 -6.73 2.27
N GLY A 351 -6.79 -5.52 2.24
CA GLY A 351 -6.08 -4.39 1.68
C GLY A 351 -4.80 -4.04 2.41
N PHE A 352 -4.73 -4.35 3.70
CA PHE A 352 -3.51 -4.21 4.49
C PHE A 352 -2.81 -5.55 4.70
N GLY A 353 -3.20 -6.58 3.96
CA GLY A 353 -2.65 -7.90 4.20
C GLY A 353 -3.37 -8.59 5.35
N SER A 354 -2.71 -9.62 5.87
CA SER A 354 -3.28 -10.46 6.93
C SER A 354 -2.17 -11.32 7.50
N GLY A 355 -2.21 -11.53 8.82
CA GLY A 355 -1.23 -12.38 9.46
C GLY A 355 -0.01 -11.63 9.97
N VAL A 356 1.14 -12.32 9.99
CA VAL A 356 2.31 -11.77 10.67
C VAL A 356 2.89 -10.55 9.96
N HIS A 357 2.64 -10.39 8.66
CA HIS A 357 3.16 -9.25 7.91
C HIS A 357 2.12 -8.15 7.70
N MET A 358 0.93 -8.27 8.29
CA MET A 358 -0.12 -7.30 8.07
C MET A 358 0.40 -5.89 8.37
N CYS A 359 0.10 -4.97 7.45
CA CYS A 359 0.75 -3.65 7.38
C CYS A 359 1.07 -3.06 8.74
N VAL A 360 2.36 -2.97 9.06
CA VAL A 360 2.78 -2.43 10.35
C VAL A 360 2.53 -0.93 10.42
N GLY A 361 2.39 -0.27 9.27
CA GLY A 361 2.06 1.14 9.25
C GLY A 361 0.59 1.45 9.12
N GLN A 362 -0.30 0.48 9.37
CA GLN A 362 -1.72 0.69 9.10
C GLN A 362 -2.32 1.79 9.98
N LEU A 363 -1.78 1.99 11.19
CA LEU A 363 -2.32 3.05 12.03
C LEU A 363 -1.99 4.44 11.47
N VAL A 364 -0.81 4.59 10.86
CA VAL A 364 -0.45 5.86 10.24
C VAL A 364 -1.34 6.12 9.03
N ALA A 365 -1.53 5.09 8.19
CA ALA A 365 -2.37 5.24 7.00
C ALA A 365 -3.79 5.61 7.38
N ARG A 366 -4.36 4.91 8.35
CA ARG A 366 -5.73 5.19 8.77
C ARG A 366 -5.84 6.60 9.35
N LEU A 367 -4.83 7.02 10.11
CA LEU A 367 -4.84 8.36 10.67
C LEU A 367 -4.86 9.42 9.56
N GLU A 368 -3.96 9.29 8.58
CA GLU A 368 -3.93 10.23 7.47
C GLU A 368 -5.25 10.22 6.70
N GLY A 369 -5.74 9.03 6.37
CA GLY A 369 -6.99 8.95 5.64
C GLY A 369 -8.16 9.51 6.43
N GLU A 370 -8.22 9.18 7.72
CA GLU A 370 -9.34 9.65 8.55
C GLU A 370 -9.38 11.16 8.63
N VAL A 371 -8.25 11.80 8.96
CA VAL A 371 -8.31 13.24 9.20
C VAL A 371 -8.53 14.00 7.90
N MET A 372 -8.10 13.45 6.76
CA MET A 372 -8.42 14.11 5.49
C MET A 372 -9.90 13.98 5.17
N LEU A 373 -10.46 12.77 5.32
CA LEU A 373 -11.89 12.63 5.04
C LEU A 373 -12.74 13.39 6.06
N SER A 374 -12.23 13.55 7.30
CA SER A 374 -12.94 14.37 8.28
C SER A 374 -12.98 15.83 7.84
N ALA A 375 -11.85 16.35 7.37
CA ALA A 375 -11.80 17.73 6.90
C ALA A 375 -12.75 17.93 5.72
N LEU A 376 -12.77 16.98 4.77
CA LEU A 376 -13.73 17.07 3.67
C LEU A 376 -15.16 17.00 4.16
N ALA A 377 -15.43 16.11 5.12
CA ALA A 377 -16.79 15.93 5.63
C ALA A 377 -17.34 17.22 6.23
N ARG A 378 -16.47 18.00 6.87
CA ARG A 378 -16.91 19.18 7.61
C ARG A 378 -16.90 20.44 6.76
N LYS A 379 -16.07 20.50 5.71
CA LYS A 379 -15.86 21.74 4.96
C LYS A 379 -16.38 21.73 3.54
N VAL A 380 -16.68 20.56 2.97
CA VAL A 380 -17.01 20.44 1.56
C VAL A 380 -18.45 19.95 1.44
N ALA A 381 -19.21 20.60 0.56
CA ALA A 381 -20.59 20.21 0.29
C ALA A 381 -20.72 19.30 -0.93
N ALA A 382 -19.87 19.47 -1.92
CA ALA A 382 -19.95 18.67 -3.14
C ALA A 382 -18.56 18.50 -3.73
N ILE A 383 -18.36 17.35 -4.38
CA ILE A 383 -17.13 17.04 -5.10
C ILE A 383 -17.55 16.57 -6.49
N ASP A 384 -17.22 17.36 -7.51
CA ASP A 384 -17.66 17.10 -8.87
C ASP A 384 -16.44 16.96 -9.77
N ILE A 385 -16.32 15.80 -10.42
CA ILE A 385 -15.28 15.64 -11.44
C ILE A 385 -15.55 16.62 -12.57
N ASP A 386 -14.52 17.40 -12.91
CA ASP A 386 -14.68 18.44 -13.93
C ASP A 386 -13.54 18.44 -14.94
N GLY A 387 -12.93 17.26 -15.15
CA GLY A 387 -11.86 17.12 -16.10
C GLY A 387 -11.60 15.66 -16.39
N PRO A 388 -10.70 15.39 -17.35
CA PRO A 388 -10.38 13.99 -17.67
C PRO A 388 -9.66 13.31 -16.52
N VAL A 389 -10.14 12.12 -16.16
CA VAL A 389 -9.52 11.33 -15.11
C VAL A 389 -8.45 10.44 -15.77
N LYS A 390 -7.23 10.49 -15.22
CA LYS A 390 -6.10 9.75 -15.77
C LYS A 390 -5.59 8.77 -14.74
N ARG A 391 -5.36 7.54 -15.17
CA ARG A 391 -4.88 6.47 -14.30
C ARG A 391 -3.36 6.47 -14.27
N ARG A 392 -2.82 6.09 -13.11
CA ARG A 392 -1.38 5.92 -12.90
C ARG A 392 -1.06 4.43 -12.95
N PHE A 393 -0.01 4.08 -13.68
CA PHE A 393 0.30 2.68 -13.94
C PHE A 393 1.52 2.25 -13.14
N ASN A 394 1.38 1.12 -12.44
CA ASN A 394 2.42 0.56 -11.58
C ASN A 394 2.21 -0.94 -11.53
N ASN A 395 3.31 -1.69 -11.41
CA ASN A 395 3.21 -3.14 -11.50
C ASN A 395 2.39 -3.74 -10.38
N THR A 396 2.35 -3.10 -9.21
CA THR A 396 1.59 -3.64 -8.10
C THR A 396 0.65 -2.64 -7.42
N LEU A 397 0.75 -1.35 -7.73
CA LEU A 397 -0.12 -0.35 -7.12
C LEU A 397 -1.22 0.07 -8.08
N ARG A 398 -2.40 0.34 -7.52
CA ARG A 398 -3.52 0.93 -8.26
C ARG A 398 -3.78 2.33 -7.72
N GLY A 399 -3.86 3.30 -8.62
CA GLY A 399 -4.11 4.66 -8.21
C GLY A 399 -4.29 5.53 -9.42
N LEU A 400 -4.73 6.76 -9.16
CA LEU A 400 -4.98 7.74 -10.21
C LEU A 400 -3.77 8.65 -10.39
N GLU A 401 -3.56 9.08 -11.63
CA GLU A 401 -2.56 10.09 -11.94
C GLU A 401 -3.13 11.50 -11.80
N SER A 402 -4.37 11.69 -12.25
CA SER A 402 -5.01 13.01 -12.21
C SER A 402 -6.50 12.84 -11.96
N LEU A 403 -7.02 13.67 -11.06
CA LEU A 403 -8.44 13.64 -10.68
C LEU A 403 -8.93 15.07 -10.55
N PRO A 404 -9.25 15.72 -11.68
CA PRO A 404 -9.73 17.11 -11.63
C PRO A 404 -11.12 17.17 -11.02
N VAL A 405 -11.26 17.91 -9.93
CA VAL A 405 -12.54 18.05 -9.24
C VAL A 405 -12.77 19.51 -8.90
N LYS A 406 -14.04 19.89 -8.82
CA LYS A 406 -14.45 21.15 -8.24
C LYS A 406 -14.98 20.88 -6.85
N LEU A 407 -14.43 21.56 -5.85
CA LEU A 407 -14.88 21.44 -4.47
C LEU A 407 -15.81 22.60 -4.17
N THR A 408 -17.03 22.28 -3.73
CA THR A 408 -17.96 23.30 -3.31
C THR A 408 -17.95 23.42 -1.79
N PRO A 409 -17.75 24.61 -1.24
CA PRO A 409 -17.68 24.74 0.22
C PRO A 409 -19.05 24.53 0.86
N ALA A 410 -19.01 24.00 2.09
CA ALA A 410 -20.23 23.81 2.86
C ALA A 410 -20.71 25.15 3.39
#